data_5LU3
#
_entry.id   5LU3
#
_cell.length_a   56.703
_cell.length_b   56.703
_cell.length_c   66.738
_cell.angle_alpha   90.00
_cell.angle_beta   90.00
_cell.angle_gamma   90.00
#
_symmetry.space_group_name_H-M   'P 43 21 2'
#
loop_
_entity.id
_entity.type
_entity.pdbx_description
1 polymer 'Glycoside hydrolase family 12'
2 non-polymer 3,6,9,12,15-pentaoxaoctadecan-17-amine
3 non-polymer '4-oxobutanoic acid'
4 non-polymer 'CALCIUM ION'
5 non-polymer 'NICKEL (II) ION'
6 non-polymer 'FORMIC ACID'
7 water water
#
_entity_poly.entity_id   1
_entity_poly.type   'polypeptide(L)'
_entity_poly.pdbx_seq_one_letter_code
;GEYLEMDLPFSYDGAGEYLWKTDDFSTTVDWGRYVNSWNLDLLEINGNDYTNRWVAQHQVPPASDGYWYIHYKGSLAWSH
VEMKLEHHHHHH
;
_entity_poly.pdbx_strand_id   A
#
# COMPACT_ATOMS: atom_id res chain seq x y z
N GLY A 1 16.79 6.27 5.09
CA GLY A 1 15.58 5.51 4.67
C GLY A 1 15.19 5.78 3.22
N GLU A 2 15.68 4.94 2.32
CA GLU A 2 15.36 5.04 0.90
C GLU A 2 14.06 4.29 0.56
N TYR A 3 13.20 4.93 -0.22
CA TYR A 3 11.99 4.26 -0.72
C TYR A 3 12.36 3.42 -1.95
N LEU A 4 12.11 2.11 -1.86
CA LEU A 4 12.45 1.20 -2.94
C LEU A 4 11.29 1.08 -3.88
N GLU A 5 11.56 1.27 -5.16
CA GLU A 5 10.48 1.25 -6.14
C GLU A 5 9.99 -0.17 -6.39
N MET A 6 8.68 -0.30 -6.50
CA MET A 6 8.05 -1.53 -6.89
C MET A 6 6.89 -1.28 -7.84
N ASP A 7 6.40 -2.39 -8.41
CA ASP A 7 5.33 -2.39 -9.39
C ASP A 7 4.15 -3.14 -8.80
N LEU A 8 2.95 -2.72 -9.16
CA LEU A 8 1.74 -3.46 -8.79
C LEU A 8 1.46 -4.58 -9.77
N PRO A 9 0.80 -5.67 -9.34
CA PRO A 9 0.36 -5.89 -7.97
C PRO A 9 1.54 -6.20 -7.07
N PHE A 10 1.37 -5.88 -5.78
CA PHE A 10 2.43 -6.00 -4.81
C PHE A 10 1.87 -6.53 -3.51
N SER A 11 2.56 -7.47 -2.89
CA SER A 11 2.22 -7.83 -1.52
CA SER A 11 2.19 -7.98 -1.58
C SER A 11 3.44 -8.11 -0.74
N TYR A 12 3.29 -8.00 0.58
CA TYR A 12 4.39 -8.31 1.47
C TYR A 12 3.84 -9.05 2.69
N ASP A 13 4.63 -10.02 3.18
CA ASP A 13 4.30 -10.79 4.37
C ASP A 13 5.45 -10.78 5.36
N GLY A 14 5.13 -10.51 6.63
CA GLY A 14 6.07 -10.68 7.72
C GLY A 14 6.47 -9.40 8.41
N ALA A 15 7.34 -9.59 9.39
CA ALA A 15 7.76 -8.53 10.25
C ALA A 15 8.83 -7.69 9.60
N GLY A 16 8.88 -6.44 10.03
CA GLY A 16 9.90 -5.50 9.62
C GLY A 16 9.30 -4.16 9.30
N GLU A 17 10.18 -3.26 8.93
CA GLU A 17 9.81 -1.88 8.62
C GLU A 17 10.45 -1.54 7.30
N TYR A 18 9.61 -1.15 6.35
CA TYR A 18 10.00 -1.01 4.95
C TYR A 18 9.43 0.25 4.35
N LEU A 19 10.16 0.77 3.38
CA LEU A 19 9.75 1.95 2.59
C LEU A 19 9.70 1.57 1.12
N TRP A 20 8.55 1.76 0.48
CA TRP A 20 8.37 1.41 -0.92
C TRP A 20 7.78 2.61 -1.64
N LYS A 21 8.01 2.69 -2.95
CA LYS A 21 7.31 3.69 -3.75
C LYS A 21 6.85 3.08 -5.04
N THR A 22 5.78 3.63 -5.59
CA THR A 22 5.26 3.19 -6.86
C THR A 22 4.55 4.34 -7.54
N ASP A 23 4.49 4.29 -8.86
CA ASP A 23 3.62 5.19 -9.60
C ASP A 23 2.43 4.46 -10.22
N ASP A 24 2.10 3.25 -9.72
CA ASP A 24 1.17 2.35 -10.42
C ASP A 24 -0.25 2.39 -9.87
N PHE A 25 -0.54 3.20 -8.85
CA PHE A 25 -1.92 3.21 -8.32
C PHE A 25 -2.92 3.70 -9.34
N SER A 26 -4.13 3.16 -9.26
CA SER A 26 -5.24 3.70 -10.05
C SER A 26 -5.52 5.15 -9.66
N THR A 27 -5.66 6.02 -10.65
CA THR A 27 -6.14 7.37 -10.45
C THR A 27 -7.53 7.60 -11.02
N THR A 28 -8.12 6.56 -11.58
CA THR A 28 -9.50 6.59 -11.95
C THR A 28 -10.28 5.71 -11.00
N VAL A 29 -11.56 5.99 -10.88
CA VAL A 29 -12.41 5.26 -9.98
C VAL A 29 -12.47 3.79 -10.40
N ASP A 30 -12.04 2.92 -9.49
CA ASP A 30 -12.03 1.48 -9.72
C ASP A 30 -12.04 0.82 -8.35
N TRP A 31 -13.25 0.40 -7.95
CA TRP A 31 -13.38 -0.23 -6.64
C TRP A 31 -12.75 -1.62 -6.56
N GLY A 32 -12.33 -2.14 -7.70
CA GLY A 32 -11.55 -3.35 -7.73
C GLY A 32 -10.06 -3.25 -7.51
N ARG A 33 -9.52 -2.04 -7.55
N ARG A 33 -9.52 -2.04 -7.55
CA ARG A 33 -8.08 -1.84 -7.39
CA ARG A 33 -8.07 -1.83 -7.39
C ARG A 33 -7.87 -1.20 -6.04
C ARG A 33 -7.85 -1.18 -6.04
N TYR A 34 -7.29 -1.96 -5.12
CA TYR A 34 -7.31 -1.61 -3.68
C TYR A 34 -6.00 -1.89 -3.01
N VAL A 35 -5.95 -1.41 -1.78
CA VAL A 35 -4.89 -1.70 -0.79
C VAL A 35 -5.59 -2.28 0.44
N ASN A 36 -5.05 -3.34 1.00
CA ASN A 36 -5.55 -3.86 2.27
C ASN A 36 -4.42 -4.43 3.08
N SER A 37 -4.60 -4.49 4.38
CA SER A 37 -3.57 -4.96 5.28
C SER A 37 -4.22 -5.51 6.52
N TRP A 38 -3.44 -6.30 7.22
CA TRP A 38 -3.81 -6.80 8.54
C TRP A 38 -2.57 -7.07 9.38
N ASN A 39 -2.78 -6.99 10.69
CA ASN A 39 -1.76 -7.23 11.67
C ASN A 39 -0.52 -6.36 11.55
N LEU A 40 -0.71 -5.16 11.01
CA LEU A 40 0.36 -4.17 10.92
C LEU A 40 0.35 -3.22 12.10
N ASP A 41 1.53 -2.68 12.36
CA ASP A 41 1.73 -1.57 13.27
C ASP A 41 1.50 -0.23 12.60
N LEU A 42 1.81 -0.17 11.31
CA LEU A 42 1.72 1.06 10.53
C LEU A 42 1.63 0.74 9.05
N LEU A 43 0.67 1.38 8.37
CA LEU A 43 0.71 1.48 6.92
C LEU A 43 0.31 2.89 6.54
N GLU A 44 1.29 3.68 6.15
CA GLU A 44 1.07 5.07 5.83
C GLU A 44 1.41 5.28 4.35
N ILE A 45 0.59 6.01 3.61
CA ILE A 45 0.85 6.28 2.18
C ILE A 45 0.69 7.76 1.98
N ASN A 46 1.79 8.44 1.60
CA ASN A 46 1.77 9.89 1.43
C ASN A 46 1.21 10.63 2.64
N GLY A 47 1.59 10.15 3.82
CA GLY A 47 1.14 10.78 5.06
C GLY A 47 -0.24 10.44 5.54
N ASN A 48 -0.98 9.62 4.78
N ASN A 48 -0.91 9.51 4.85
CA ASN A 48 -2.31 9.19 5.19
CA ASN A 48 -2.24 9.12 5.23
C ASN A 48 -2.20 7.82 5.86
C ASN A 48 -2.20 7.75 5.85
N ASP A 49 -2.96 7.63 6.93
CA ASP A 49 -3.02 6.40 7.73
C ASP A 49 -4.05 5.42 7.15
N TYR A 50 -3.53 4.27 6.68
CA TYR A 50 -4.36 3.16 6.21
C TYR A 50 -4.04 1.87 6.94
N THR A 51 -3.59 2.00 8.18
CA THR A 51 -3.10 0.83 8.89
C THR A 51 -4.26 -0.15 9.13
N ASN A 52 -4.17 -1.36 8.56
CA ASN A 52 -5.15 -2.42 8.71
C ASN A 52 -6.54 -2.04 8.20
N ARG A 53 -6.59 -1.21 7.17
CA ARG A 53 -7.84 -0.74 6.59
C ARG A 53 -7.83 -0.94 5.08
N TRP A 54 -9.00 -1.27 4.55
CA TRP A 54 -9.18 -1.41 3.13
C TRP A 54 -9.45 -0.04 2.51
N VAL A 55 -8.72 0.27 1.44
CA VAL A 55 -8.93 1.50 0.70
C VAL A 55 -8.71 1.26 -0.79
N ALA A 56 -9.51 1.90 -1.62
CA ALA A 56 -9.28 1.80 -3.04
C ALA A 56 -8.09 2.66 -3.39
N GLN A 57 -7.30 2.22 -4.35
CA GLN A 57 -6.15 3.01 -4.78
C GLN A 57 -6.51 4.44 -5.18
N HIS A 58 -7.65 4.60 -5.86
CA HIS A 58 -8.07 5.92 -6.31
C HIS A 58 -8.47 6.83 -5.18
N GLN A 59 -8.65 6.30 -3.98
CA GLN A 59 -8.92 7.14 -2.79
C GLN A 59 -7.66 7.73 -2.15
N VAL A 60 -6.49 7.21 -2.55
CA VAL A 60 -5.22 7.59 -1.94
C VAL A 60 -4.59 8.67 -2.79
N PRO A 61 -4.46 9.89 -2.25
CA PRO A 61 -3.85 10.94 -3.07
C PRO A 61 -2.40 10.64 -3.39
N PRO A 62 -2.00 10.88 -4.65
CA PRO A 62 -0.58 10.79 -4.96
C PRO A 62 0.17 11.96 -4.32
N ALA A 63 1.48 11.85 -4.30
CA ALA A 63 2.33 12.99 -3.98
C ALA A 63 2.40 13.88 -5.21
N SER A 64 3.03 15.04 -5.05
CA SER A 64 3.04 16.03 -6.13
C SER A 64 3.93 15.66 -7.30
N ASP A 65 4.72 14.57 -7.15
CA ASP A 65 5.48 13.99 -8.25
C ASP A 65 4.79 12.81 -8.92
N GLY A 66 3.54 12.53 -8.52
CA GLY A 66 2.79 11.41 -9.08
C GLY A 66 3.08 10.03 -8.50
N TYR A 67 3.85 9.97 -7.44
CA TYR A 67 4.18 8.72 -6.78
C TYR A 67 3.41 8.52 -5.49
N TRP A 68 3.38 7.25 -5.08
CA TRP A 68 2.85 6.86 -3.78
C TRP A 68 4.01 6.31 -2.95
N TYR A 69 4.24 6.96 -1.80
CA TYR A 69 5.33 6.63 -0.87
C TYR A 69 4.74 5.92 0.34
N ILE A 70 5.13 4.66 0.50
CA ILE A 70 4.50 3.74 1.45
C ILE A 70 5.48 3.38 2.55
N HIS A 71 5.02 3.53 3.79
CA HIS A 71 5.77 3.12 4.97
C HIS A 71 4.98 2.01 5.66
N TYR A 72 5.62 0.84 5.73
CA TYR A 72 5.05 -0.38 6.33
C TYR A 72 5.81 -0.72 7.60
N LYS A 73 5.08 -1.12 8.64
CA LYS A 73 5.72 -1.74 9.80
C LYS A 73 4.79 -2.83 10.32
N GLY A 74 5.37 -4.02 10.53
CA GLY A 74 4.68 -5.12 11.16
C GLY A 74 5.61 -5.85 12.08
N SER A 75 5.02 -6.47 13.10
CA SER A 75 5.79 -7.18 14.10
C SER A 75 5.55 -8.70 14.15
N LEU A 76 4.72 -9.21 13.25
CA LEU A 76 4.31 -10.63 13.26
C LEU A 76 4.60 -11.30 11.96
N ALA A 77 4.76 -12.63 11.99
CA ALA A 77 5.02 -13.37 10.74
C ALA A 77 3.83 -13.23 9.77
N TRP A 78 2.66 -13.01 10.32
CA TRP A 78 1.45 -12.89 9.51
C TRP A 78 1.01 -11.44 9.29
N SER A 79 1.87 -10.49 9.66
CA SER A 79 1.66 -9.13 9.19
C SER A 79 1.62 -9.15 7.65
N HIS A 80 0.74 -8.35 7.04
CA HIS A 80 0.52 -8.43 5.61
C HIS A 80 0.01 -7.12 5.02
N VAL A 81 0.47 -6.83 3.80
CA VAL A 81 -0.17 -5.82 2.95
C VAL A 81 -0.31 -6.42 1.55
N GLU A 82 -1.33 -5.96 0.84
CA GLU A 82 -1.49 -6.22 -0.59
C GLU A 82 -2.06 -5.01 -1.31
N MET A 83 -1.63 -4.83 -2.55
CA MET A 83 -2.04 -3.73 -3.41
C MET A 83 -2.25 -4.35 -4.76
N LYS A 84 -3.50 -4.55 -5.12
CA LYS A 84 -3.81 -5.48 -6.21
CA LYS A 84 -3.81 -5.48 -6.21
C LYS A 84 -5.22 -5.28 -6.75
N LEU A 85 -5.59 -6.12 -7.70
CA LEU A 85 -6.88 -6.16 -8.34
C LEU A 85 -7.72 -7.30 -7.72
N GLU A 86 -8.97 -6.99 -7.40
CA GLU A 86 -9.94 -7.95 -6.95
C GLU A 86 -10.14 -9.01 -8.03
N HIS A 87 -10.03 -10.29 -7.62
CA HIS A 87 -10.14 -11.37 -8.60
C HIS A 87 -11.58 -11.59 -8.98
N HIS A 88 -12.47 -11.51 -7.98
CA HIS A 88 -13.97 -11.46 -8.02
C HIS A 88 -14.61 -12.36 -6.97
#